data_1TIK
#
_entry.id   1TIK
#
_cell.length_a   94.371
_cell.length_b   94.371
_cell.length_c   54.605
_cell.angle_alpha   90.00
_cell.angle_beta   90.00
_cell.angle_gamma   90.00
#
_symmetry.space_group_name_H-M   'P 4 21 2'
#
loop_
_entity.id
_entity.type
_entity.pdbx_description
1 polymer 'Acyl carrier protein phosphodiesterase'
2 non-polymer 'SULFATE ION'
3 water water
#
_entity_poly.entity_id   1
_entity_poly.type   'polypeptide(L)'
_entity_poly.pdbx_seq_one_letter_code
;(MSE)SLSKVLVLKSSILAGYSQSNQLSDYFVEQWREKHSADEITVRDLAANPIPVLDGELVGALRPSDAPLTPRQQEAL
ALSDELIAELKAHDVIVIAAP(MSE)YNFNISTQLKNYFDLVARAGVTFRYTENGPEGLVTGKKAIVITSRGGIHKDGPT
DLVTPYLSTFLGFIGITDVKFVFAEGIAYGPE(MSE)AAKAQSDAKAAIDSIVSAEGGSHHHHHH
;
_entity_poly.pdbx_strand_id   A
#
# COMPACT_ATOMS: atom_id res chain seq x y z
N SER A 2 -17.49 11.88 12.55
CA SER A 2 -16.69 11.74 11.29
C SER A 2 -15.45 10.87 11.54
N LEU A 3 -15.47 10.12 12.63
CA LEU A 3 -14.34 9.25 12.96
C LEU A 3 -14.14 8.23 11.84
N SER A 4 -12.94 7.67 11.76
CA SER A 4 -12.64 6.70 10.73
C SER A 4 -11.55 5.72 11.14
N LYS A 5 -11.29 4.76 10.27
CA LYS A 5 -10.27 3.75 10.53
C LYS A 5 -9.12 3.91 9.53
N VAL A 6 -7.90 3.89 10.03
CA VAL A 6 -6.72 4.05 9.18
C VAL A 6 -5.88 2.79 9.09
N LEU A 7 -5.54 2.40 7.87
CA LEU A 7 -4.71 1.24 7.63
C LEU A 7 -3.37 1.72 7.10
N VAL A 8 -2.28 1.21 7.68
CA VAL A 8 -0.93 1.59 7.27
C VAL A 8 -0.15 0.36 6.85
N LEU A 9 0.32 0.36 5.61
CA LEU A 9 1.09 -0.76 5.07
C LEU A 9 2.56 -0.38 4.85
N LYS A 10 3.46 -1.12 5.51
CA LYS A 10 4.91 -0.90 5.39
C LYS A 10 5.53 -1.97 4.49
N SER A 11 6.37 -1.56 3.53
CA SER A 11 6.98 -2.54 2.62
C SER A 11 8.50 -2.44 2.48
N SER A 12 9.12 -1.59 3.27
CA SER A 12 10.57 -1.43 3.24
C SER A 12 11.27 -2.64 3.84
N ILE A 13 12.47 -2.94 3.35
CA ILE A 13 13.23 -4.06 3.88
C ILE A 13 14.37 -3.56 4.77
N LEU A 14 14.40 -2.26 5.02
CA LEU A 14 15.47 -1.69 5.84
C LEU A 14 15.12 -1.54 7.31
N ALA A 15 13.96 -2.06 7.71
CA ALA A 15 13.53 -2.00 9.11
C ALA A 15 13.61 -0.60 9.75
N GLY A 16 14.31 -0.52 10.88
CA GLY A 16 14.44 0.73 11.60
C GLY A 16 15.16 1.83 10.82
N TYR A 17 15.93 1.44 9.81
CA TYR A 17 16.66 2.43 9.00
C TYR A 17 15.79 2.93 7.84
N SER A 18 14.61 2.33 7.70
CA SER A 18 13.70 2.71 6.63
C SER A 18 13.25 4.16 6.69
N GLN A 19 13.41 4.85 5.56
CA GLN A 19 12.99 6.23 5.46
C GLN A 19 11.46 6.28 5.38
N SER A 20 10.86 5.35 4.64
CA SER A 20 9.40 5.33 4.50
C SER A 20 8.68 4.91 5.79
N ASN A 21 9.30 4.03 6.57
CA ASN A 21 8.68 3.61 7.82
C ASN A 21 8.72 4.76 8.82
N GLN A 22 9.79 5.56 8.79
CA GLN A 22 9.90 6.69 9.69
C GLN A 22 8.80 7.70 9.35
N LEU A 23 8.57 7.93 8.07
CA LEU A 23 7.54 8.87 7.63
C LEU A 23 6.16 8.31 7.98
N SER A 24 6.02 6.99 7.90
CA SER A 24 4.76 6.32 8.23
C SER A 24 4.45 6.51 9.71
N ASP A 25 5.48 6.38 10.55
CA ASP A 25 5.30 6.55 11.99
C ASP A 25 4.93 8.00 12.27
N TYR A 26 5.54 8.91 11.53
CA TYR A 26 5.23 10.32 11.70
C TYR A 26 3.76 10.53 11.36
N PHE A 27 3.31 9.91 10.26
CA PHE A 27 1.92 10.02 9.81
C PHE A 27 0.97 9.56 10.92
N VAL A 28 1.25 8.39 11.48
CA VAL A 28 0.44 7.81 12.54
C VAL A 28 0.38 8.74 13.74
N GLU A 29 1.55 9.23 14.16
CA GLU A 29 1.63 10.13 15.30
C GLU A 29 0.76 11.36 15.08
N GLN A 30 0.86 11.95 13.89
CA GLN A 30 0.09 13.14 13.59
C GLN A 30 -1.41 12.89 13.53
N TRP A 31 -1.81 11.81 12.86
CA TRP A 31 -3.23 11.47 12.76
C TRP A 31 -3.82 11.18 14.13
N ARG A 32 -3.05 10.49 14.96
CA ARG A 32 -3.45 10.15 16.31
C ARG A 32 -3.71 11.42 17.11
N GLU A 33 -2.93 12.46 16.84
CA GLU A 33 -3.08 13.72 17.55
C GLU A 33 -4.33 14.48 17.14
N LYS A 34 -4.58 14.56 15.83
CA LYS A 34 -5.75 15.27 15.33
C LYS A 34 -7.03 14.46 15.51
N HIS A 35 -6.91 13.12 15.52
CA HIS A 35 -8.07 12.25 15.68
C HIS A 35 -7.75 11.15 16.71
N SER A 36 -7.90 11.48 17.98
CA SER A 36 -7.61 10.54 19.05
C SER A 36 -8.60 9.39 19.13
N ALA A 37 -9.73 9.51 18.46
CA ALA A 37 -10.75 8.45 18.50
C ALA A 37 -10.61 7.46 17.35
N ASP A 38 -9.97 7.87 16.26
CA ASP A 38 -9.78 7.00 15.10
C ASP A 38 -8.94 5.76 15.39
N GLU A 39 -9.32 4.64 14.78
CA GLU A 39 -8.61 3.39 14.94
C GLU A 39 -7.49 3.35 13.90
N ILE A 40 -6.33 2.86 14.30
CA ILE A 40 -5.19 2.78 13.40
C ILE A 40 -4.61 1.37 13.41
N THR A 41 -4.57 0.76 12.22
CA THR A 41 -4.04 -0.58 12.06
C THR A 41 -2.77 -0.54 11.22
N VAL A 42 -1.73 -1.22 11.68
CA VAL A 42 -0.46 -1.25 10.98
C VAL A 42 -0.04 -2.67 10.59
N ARG A 43 0.33 -2.86 9.33
CA ARG A 43 0.77 -4.15 8.85
C ARG A 43 2.12 -3.98 8.14
N ASP A 44 3.15 -4.55 8.73
CA ASP A 44 4.49 -4.47 8.16
C ASP A 44 4.68 -5.71 7.27
N LEU A 45 4.62 -5.49 5.97
CA LEU A 45 4.74 -6.53 4.95
C LEU A 45 6.13 -7.17 4.90
N ALA A 46 7.09 -6.54 5.58
CA ALA A 46 8.45 -7.06 5.63
C ALA A 46 8.59 -7.91 6.90
N ALA A 47 8.12 -7.38 8.03
CA ALA A 47 8.20 -8.09 9.30
C ALA A 47 7.26 -9.29 9.30
N ASN A 48 6.16 -9.17 8.56
CA ASN A 48 5.18 -10.25 8.44
C ASN A 48 4.99 -10.43 6.94
N PRO A 49 5.96 -11.07 6.28
CA PRO A 49 6.01 -11.34 4.83
C PRO A 49 4.87 -12.14 4.21
N ILE A 50 4.39 -11.64 3.06
CA ILE A 50 3.33 -12.29 2.31
C ILE A 50 4.03 -13.21 1.31
N PRO A 51 3.56 -14.45 1.15
CA PRO A 51 4.19 -15.37 0.20
C PRO A 51 4.12 -14.88 -1.25
N VAL A 52 5.06 -15.39 -2.05
CA VAL A 52 5.14 -15.08 -3.47
C VAL A 52 4.02 -15.81 -4.19
N LEU A 53 3.43 -15.18 -5.20
CA LEU A 53 2.35 -15.81 -5.94
C LEU A 53 2.97 -16.77 -6.97
N ASP A 54 2.80 -18.08 -6.76
CA ASP A 54 3.35 -19.05 -7.70
C ASP A 54 2.23 -19.83 -8.39
N GLY A 55 2.63 -20.81 -9.21
CA GLY A 55 1.68 -21.62 -9.95
C GLY A 55 0.66 -22.35 -9.10
N GLU A 56 1.00 -22.61 -7.85
CA GLU A 56 0.08 -23.31 -6.95
C GLU A 56 -0.83 -22.35 -6.18
N LEU A 57 -0.28 -21.30 -5.61
CA LEU A 57 -1.10 -20.37 -4.85
C LEU A 57 -2.14 -19.65 -5.70
N VAL A 58 -1.79 -19.33 -6.94
CA VAL A 58 -2.72 -18.63 -7.81
C VAL A 58 -4.04 -19.41 -7.93
N GLY A 59 -3.98 -20.71 -7.66
CA GLY A 59 -5.17 -21.53 -7.73
C GLY A 59 -6.17 -21.20 -6.65
N ALA A 60 -5.66 -20.71 -5.52
CA ALA A 60 -6.53 -20.34 -4.39
C ALA A 60 -7.35 -19.09 -4.72
N LEU A 61 -6.81 -18.23 -5.58
CA LEU A 61 -7.51 -17.01 -5.96
C LEU A 61 -8.59 -17.29 -7.00
N ARG A 62 -8.56 -18.49 -7.55
CA ARG A 62 -9.51 -18.89 -8.57
C ARG A 62 -10.78 -19.46 -7.93
N PRO A 63 -11.93 -18.84 -8.19
CA PRO A 63 -13.20 -19.31 -7.63
C PRO A 63 -13.59 -20.65 -8.25
N SER A 64 -13.27 -21.74 -7.57
CA SER A 64 -13.58 -23.07 -8.07
C SER A 64 -14.23 -23.95 -7.02
N ASP A 65 -14.69 -25.12 -7.46
CA ASP A 65 -15.34 -26.09 -6.58
C ASP A 65 -14.37 -27.20 -6.16
N ALA A 66 -13.38 -27.46 -7.02
CA ALA A 66 -12.38 -28.49 -6.74
C ALA A 66 -11.65 -28.26 -5.42
N PRO A 67 -11.16 -29.35 -4.80
CA PRO A 67 -10.43 -29.30 -3.53
C PRO A 67 -9.13 -28.51 -3.66
N LEU A 68 -8.74 -27.84 -2.57
CA LEU A 68 -7.52 -27.05 -2.56
C LEU A 68 -6.43 -27.74 -1.75
N THR A 69 -5.18 -27.52 -2.15
CA THR A 69 -4.05 -28.11 -1.43
C THR A 69 -3.85 -27.34 -0.12
N PRO A 70 -3.05 -27.90 0.81
CA PRO A 70 -2.82 -27.20 2.08
C PRO A 70 -2.32 -25.77 1.86
N ARG A 71 -1.36 -25.59 0.97
CA ARG A 71 -0.84 -24.25 0.69
C ARG A 71 -1.94 -23.34 0.14
N GLN A 72 -2.73 -23.87 -0.79
CA GLN A 72 -3.81 -23.08 -1.39
C GLN A 72 -4.81 -22.64 -0.32
N GLN A 73 -5.13 -23.53 0.61
CA GLN A 73 -6.08 -23.20 1.67
C GLN A 73 -5.54 -22.07 2.54
N GLU A 74 -4.24 -22.11 2.83
CA GLU A 74 -3.66 -21.05 3.65
C GLU A 74 -3.61 -19.74 2.88
N ALA A 75 -3.23 -19.82 1.61
CA ALA A 75 -3.15 -18.65 0.76
C ALA A 75 -4.53 -17.99 0.65
N LEU A 76 -5.57 -18.80 0.50
CA LEU A 76 -6.93 -18.31 0.39
C LEU A 76 -7.38 -17.61 1.69
N ALA A 77 -7.06 -18.23 2.82
CA ALA A 77 -7.41 -17.69 4.12
C ALA A 77 -6.69 -16.36 4.34
N LEU A 78 -5.42 -16.31 3.95
CA LEU A 78 -4.64 -15.09 4.09
C LEU A 78 -5.19 -14.03 3.17
N SER A 79 -5.55 -14.42 1.95
CA SER A 79 -6.10 -13.48 1.00
C SER A 79 -7.39 -12.84 1.54
N ASP A 80 -8.30 -13.66 2.06
CA ASP A 80 -9.55 -13.15 2.61
C ASP A 80 -9.29 -12.20 3.77
N GLU A 81 -8.33 -12.54 4.62
CA GLU A 81 -7.99 -11.72 5.77
C GLU A 81 -7.51 -10.34 5.29
N LEU A 82 -6.57 -10.34 4.35
CA LEU A 82 -6.03 -9.10 3.81
C LEU A 82 -7.10 -8.22 3.17
N ILE A 83 -7.95 -8.83 2.36
CA ILE A 83 -9.00 -8.10 1.69
C ILE A 83 -10.02 -7.53 2.67
N ALA A 84 -10.43 -8.33 3.65
CA ALA A 84 -11.39 -7.88 4.64
C ALA A 84 -10.81 -6.69 5.40
N GLU A 85 -9.53 -6.80 5.73
CA GLU A 85 -8.84 -5.73 6.44
C GLU A 85 -8.89 -4.45 5.61
N LEU A 86 -8.52 -4.54 4.34
CA LEU A 86 -8.53 -3.38 3.47
C LEU A 86 -9.92 -2.74 3.39
N LYS A 87 -10.94 -3.55 3.11
CA LYS A 87 -12.31 -3.06 3.00
C LYS A 87 -12.87 -2.49 4.31
N ALA A 88 -12.26 -2.88 5.42
CA ALA A 88 -12.69 -2.40 6.73
C ALA A 88 -12.14 -1.02 7.12
N HIS A 89 -11.19 -0.51 6.35
CA HIS A 89 -10.63 0.80 6.68
C HIS A 89 -10.96 1.89 5.65
N ASP A 90 -11.02 3.13 6.13
CA ASP A 90 -11.36 4.30 5.31
C ASP A 90 -10.13 4.96 4.67
N VAL A 91 -9.06 5.09 5.44
CA VAL A 91 -7.83 5.71 4.94
C VAL A 91 -6.71 4.69 4.84
N ILE A 92 -6.21 4.47 3.62
CA ILE A 92 -5.15 3.51 3.38
C ILE A 92 -3.81 4.20 3.13
N VAL A 93 -2.88 4.04 4.06
CA VAL A 93 -1.56 4.64 3.89
C VAL A 93 -0.62 3.56 3.39
N ILE A 94 0.01 3.81 2.24
CA ILE A 94 0.91 2.84 1.64
C ILE A 94 2.36 3.31 1.53
N ALA A 95 3.24 2.70 2.32
CA ALA A 95 4.67 3.04 2.25
C ALA A 95 5.24 2.23 1.10
N ALA A 96 5.61 2.90 0.02
CA ALA A 96 6.14 2.24 -1.18
C ALA A 96 7.54 2.67 -1.63
N PRO A 97 8.59 2.08 -1.04
CA PRO A 97 9.95 2.45 -1.44
C PRO A 97 10.20 1.93 -2.87
N TYR A 99 12.70 0.08 -5.34
CA TYR A 99 13.91 -0.74 -5.38
C TYR A 99 14.07 -1.18 -6.83
N ASN A 100 15.23 -0.90 -7.39
CA ASN A 100 15.54 -1.22 -8.78
C ASN A 100 14.42 -0.81 -9.72
N PHE A 101 13.97 0.42 -9.53
CA PHE A 101 12.92 1.03 -10.34
C PHE A 101 11.54 0.37 -10.23
N ASN A 102 11.34 -0.43 -9.18
CA ASN A 102 10.05 -1.10 -8.98
C ASN A 102 9.68 -0.92 -7.51
N ILE A 103 8.49 -1.37 -7.13
CA ILE A 103 8.08 -1.29 -5.73
C ILE A 103 8.78 -2.46 -5.09
N SER A 104 8.76 -2.53 -3.76
CA SER A 104 9.41 -3.66 -3.09
C SER A 104 8.58 -4.91 -3.32
N THR A 105 9.25 -6.05 -3.33
CA THR A 105 8.57 -7.31 -3.54
C THR A 105 7.61 -7.60 -2.38
N GLN A 106 7.94 -7.08 -1.20
CA GLN A 106 7.08 -7.29 -0.03
C GLN A 106 5.69 -6.69 -0.28
N LEU A 107 5.64 -5.54 -0.95
CA LEU A 107 4.37 -4.89 -1.25
C LEU A 107 3.71 -5.60 -2.44
N LYS A 108 4.52 -6.02 -3.40
CA LYS A 108 4.03 -6.70 -4.60
C LYS A 108 3.29 -7.99 -4.21
N ASN A 109 3.83 -8.74 -3.26
CA ASN A 109 3.20 -9.98 -2.83
C ASN A 109 1.83 -9.68 -2.22
N TYR A 110 1.74 -8.56 -1.52
CA TYR A 110 0.49 -8.14 -0.92
C TYR A 110 -0.53 -7.90 -2.04
N PHE A 111 -0.16 -7.08 -3.02
CA PHE A 111 -1.06 -6.79 -4.13
C PHE A 111 -1.51 -8.06 -4.85
N ASP A 112 -0.61 -9.01 -5.07
CA ASP A 112 -0.97 -10.23 -5.78
C ASP A 112 -2.01 -11.10 -5.06
N LEU A 113 -2.18 -10.90 -3.76
CA LEU A 113 -3.19 -11.66 -3.03
C LEU A 113 -4.48 -10.87 -2.83
N VAL A 114 -4.40 -9.56 -3.03
CA VAL A 114 -5.55 -8.67 -2.88
C VAL A 114 -6.36 -8.56 -4.16
N ALA A 115 -5.69 -8.63 -5.30
CA ALA A 115 -6.38 -8.54 -6.58
C ALA A 115 -6.96 -9.90 -6.97
N ARG A 116 -8.28 -9.98 -7.02
CA ARG A 116 -8.97 -11.20 -7.40
C ARG A 116 -10.39 -10.92 -7.86
N ALA A 117 -10.73 -11.46 -9.02
CA ALA A 117 -12.04 -11.28 -9.64
C ALA A 117 -13.20 -11.71 -8.75
N GLY A 118 -14.20 -10.85 -8.65
CA GLY A 118 -15.35 -11.14 -7.83
C GLY A 118 -15.22 -10.69 -6.39
N VAL A 119 -14.06 -10.16 -6.03
CA VAL A 119 -13.83 -9.70 -4.67
C VAL A 119 -13.36 -8.26 -4.61
N THR A 120 -12.26 -7.96 -5.30
CA THR A 120 -11.77 -6.59 -5.30
C THR A 120 -12.02 -5.89 -6.64
N PHE A 121 -12.53 -6.65 -7.61
CA PHE A 121 -12.87 -6.11 -8.92
C PHE A 121 -13.74 -7.14 -9.64
N ARG A 122 -14.54 -6.69 -10.60
CA ARG A 122 -15.41 -7.59 -11.34
C ARG A 122 -15.51 -7.15 -12.79
N TYR A 123 -15.93 -8.07 -13.64
CA TYR A 123 -16.08 -7.76 -15.06
C TYR A 123 -17.52 -7.41 -15.36
N THR A 124 -17.72 -6.39 -16.19
CA THR A 124 -19.05 -5.94 -16.58
C THR A 124 -19.01 -5.58 -18.07
N GLU A 125 -20.18 -5.38 -18.67
CA GLU A 125 -20.25 -5.02 -20.09
C GLU A 125 -19.63 -3.65 -20.34
N ASN A 126 -19.34 -2.92 -19.27
CA ASN A 126 -18.75 -1.59 -19.39
C ASN A 126 -17.27 -1.65 -19.04
N GLY A 127 -16.75 -2.86 -18.91
CA GLY A 127 -15.35 -3.05 -18.57
C GLY A 127 -15.13 -3.34 -17.10
N PRO A 128 -13.88 -3.57 -16.68
CA PRO A 128 -13.56 -3.87 -15.27
C PRO A 128 -14.10 -2.82 -14.31
N GLU A 129 -14.32 -3.23 -13.08
CA GLU A 129 -14.84 -2.30 -12.07
C GLU A 129 -14.31 -2.65 -10.69
N GLY A 130 -13.67 -1.69 -10.03
CA GLY A 130 -13.10 -1.92 -8.72
C GLY A 130 -14.17 -2.04 -7.63
N LEU A 131 -13.99 -2.99 -6.73
CA LEU A 131 -14.95 -3.20 -5.64
C LEU A 131 -14.55 -2.57 -4.31
N VAL A 132 -13.30 -2.11 -4.20
CA VAL A 132 -12.83 -1.46 -2.98
C VAL A 132 -13.06 0.03 -3.20
N THR A 133 -14.25 0.50 -2.82
CA THR A 133 -14.64 1.89 -3.03
C THR A 133 -14.79 2.73 -1.76
N GLY A 134 -15.01 4.03 -1.95
CA GLY A 134 -15.17 4.94 -0.83
C GLY A 134 -13.91 5.09 0.01
N LYS A 135 -12.76 4.81 -0.59
CA LYS A 135 -11.50 4.90 0.15
C LYS A 135 -10.64 6.08 -0.26
N LYS A 136 -9.79 6.50 0.68
CA LYS A 136 -8.84 7.59 0.45
C LYS A 136 -7.47 7.00 0.75
N ALA A 137 -6.60 6.99 -0.25
CA ALA A 137 -5.27 6.43 -0.08
C ALA A 137 -4.16 7.49 -0.14
N ILE A 138 -3.09 7.21 0.58
CA ILE A 138 -1.93 8.09 0.65
C ILE A 138 -0.70 7.21 0.43
N VAL A 139 0.11 7.55 -0.56
CA VAL A 139 1.31 6.79 -0.85
C VAL A 139 2.55 7.58 -0.43
N ILE A 140 3.39 6.95 0.38
CA ILE A 140 4.63 7.56 0.84
C ILE A 140 5.73 6.77 0.14
N THR A 141 6.21 7.29 -0.98
CA THR A 141 7.22 6.60 -1.75
C THR A 141 8.60 7.24 -1.63
N SER A 142 9.54 6.45 -1.12
CA SER A 142 10.92 6.90 -0.92
C SER A 142 11.84 6.38 -2.03
N ARG A 143 12.80 7.20 -2.43
CA ARG A 143 13.75 6.83 -3.47
C ARG A 143 15.15 7.33 -3.14
N GLY A 144 16.15 6.55 -3.53
CA GLY A 144 17.53 6.96 -3.30
C GLY A 144 17.94 8.06 -4.26
N GLY A 145 17.46 7.95 -5.49
CA GLY A 145 17.77 8.95 -6.51
C GLY A 145 16.61 9.91 -6.71
N ILE A 146 16.66 10.68 -7.79
CA ILE A 146 15.62 11.68 -8.12
C ILE A 146 14.95 11.26 -9.43
N HIS A 147 13.68 10.87 -9.34
CA HIS A 147 12.92 10.40 -10.50
C HIS A 147 11.62 11.15 -10.75
N LYS A 148 11.16 11.85 -9.72
CA LYS A 148 9.92 12.62 -9.74
C LYS A 148 9.62 13.27 -11.08
N ASP A 149 8.43 13.03 -11.61
CA ASP A 149 7.98 13.57 -12.90
C ASP A 149 8.92 13.28 -14.06
N GLY A 150 9.74 12.24 -13.91
CA GLY A 150 10.67 11.88 -14.97
C GLY A 150 10.30 10.54 -15.57
N PRO A 151 10.95 10.14 -16.68
CA PRO A 151 10.68 8.86 -17.33
C PRO A 151 11.20 7.65 -16.56
N THR A 152 11.98 7.88 -15.50
CA THR A 152 12.49 6.75 -14.73
C THR A 152 11.56 6.39 -13.57
N ASP A 153 10.51 7.19 -13.37
CA ASP A 153 9.55 6.91 -12.29
C ASP A 153 8.33 6.20 -12.84
N LEU A 154 8.32 4.88 -12.74
CA LEU A 154 7.19 4.08 -13.22
C LEU A 154 6.39 3.56 -12.04
N VAL A 155 6.96 3.69 -10.84
CA VAL A 155 6.31 3.25 -9.62
C VAL A 155 5.02 4.04 -9.39
N THR A 156 5.09 5.36 -9.60
CA THR A 156 3.93 6.24 -9.40
C THR A 156 2.77 5.90 -10.32
N PRO A 157 3.00 5.91 -11.65
CA PRO A 157 1.90 5.58 -12.56
C PRO A 157 1.40 4.14 -12.35
N TYR A 158 2.33 3.27 -11.97
CA TYR A 158 1.99 1.87 -11.70
C TYR A 158 1.06 1.76 -10.50
N LEU A 159 1.46 2.35 -9.37
CA LEU A 159 0.64 2.30 -8.17
C LEU A 159 -0.74 2.89 -8.45
N SER A 160 -0.75 3.97 -9.22
CA SER A 160 -1.99 4.65 -9.57
C SER A 160 -2.89 3.73 -10.39
N THR A 161 -2.28 2.97 -11.30
CA THR A 161 -3.03 2.05 -12.15
C THR A 161 -3.61 0.88 -11.37
N PHE A 162 -2.80 0.29 -10.50
CA PHE A 162 -3.25 -0.86 -9.71
C PHE A 162 -4.32 -0.49 -8.69
N LEU A 163 -4.09 0.57 -7.94
CA LEU A 163 -5.05 0.99 -6.92
C LEU A 163 -6.37 1.37 -7.60
N GLY A 164 -6.28 2.05 -8.73
CA GLY A 164 -7.47 2.46 -9.45
C GLY A 164 -8.25 1.25 -9.94
N PHE A 165 -7.52 0.23 -10.37
CA PHE A 165 -8.16 -0.98 -10.88
C PHE A 165 -9.06 -1.68 -9.86
N ILE A 166 -8.67 -1.65 -8.59
CA ILE A 166 -9.48 -2.28 -7.54
C ILE A 166 -10.46 -1.31 -6.89
N GLY A 167 -10.54 -0.10 -7.42
CA GLY A 167 -11.48 0.87 -6.88
C GLY A 167 -10.92 2.10 -6.19
N ILE A 168 -9.68 2.02 -5.73
CA ILE A 168 -9.05 3.12 -5.04
C ILE A 168 -8.51 4.15 -6.04
N THR A 169 -9.34 5.13 -6.37
CA THR A 169 -8.96 6.16 -7.33
C THR A 169 -8.52 7.49 -6.70
N ASP A 170 -8.86 7.69 -5.43
CA ASP A 170 -8.47 8.90 -4.73
C ASP A 170 -7.12 8.63 -4.04
N VAL A 171 -6.04 8.92 -4.74
CA VAL A 171 -4.71 8.68 -4.19
C VAL A 171 -3.81 9.89 -4.18
N LYS A 172 -3.27 10.22 -3.00
CA LYS A 172 -2.35 11.34 -2.86
C LYS A 172 -0.94 10.80 -2.71
N PHE A 173 0.02 11.40 -3.41
CA PHE A 173 1.41 10.95 -3.35
C PHE A 173 2.33 11.88 -2.53
N VAL A 174 3.19 11.26 -1.73
CA VAL A 174 4.16 11.98 -0.91
C VAL A 174 5.53 11.41 -1.27
N PHE A 175 6.39 12.27 -1.82
CA PHE A 175 7.72 11.85 -2.25
C PHE A 175 8.85 12.22 -1.28
N ALA A 176 9.86 11.36 -1.27
CA ALA A 176 11.06 11.51 -0.46
C ALA A 176 12.20 10.95 -1.31
N GLU A 177 12.79 11.80 -2.15
CA GLU A 177 13.87 11.36 -3.05
C GLU A 177 15.24 11.93 -2.71
N GLY A 178 16.27 11.42 -3.40
CA GLY A 178 17.63 11.86 -3.19
C GLY A 178 18.27 11.31 -1.94
N ILE A 179 17.63 10.31 -1.33
CA ILE A 179 18.15 9.72 -0.11
C ILE A 179 19.60 9.27 -0.28
N ALA A 180 19.91 8.64 -1.41
CA ALA A 180 21.26 8.14 -1.68
C ALA A 180 22.38 9.19 -1.67
N TYR A 181 22.03 10.46 -1.84
CA TYR A 181 23.03 11.52 -1.86
C TYR A 181 23.63 11.83 -0.50
N GLY A 182 23.16 11.16 0.53
CA GLY A 182 23.71 11.40 1.85
C GLY A 182 22.73 11.86 2.90
N PRO A 183 23.15 11.89 4.17
CA PRO A 183 22.30 12.30 5.29
C PRO A 183 21.71 13.71 5.16
N GLU A 184 22.44 14.62 4.53
CA GLU A 184 21.92 15.98 4.35
C GLU A 184 20.65 15.94 3.51
N ALA A 186 18.84 13.27 2.75
CA ALA A 186 17.84 12.41 3.38
C ALA A 186 17.01 13.24 4.36
N ALA A 187 17.67 14.10 5.12
CA ALA A 187 16.99 14.96 6.10
C ALA A 187 16.04 15.93 5.40
N LYS A 188 16.52 16.54 4.31
CA LYS A 188 15.70 17.47 3.53
C LYS A 188 14.44 16.73 3.07
N ALA A 189 14.63 15.55 2.49
CA ALA A 189 13.50 14.74 2.02
C ALA A 189 12.54 14.42 3.15
N GLN A 190 13.08 14.12 4.33
CA GLN A 190 12.24 13.83 5.49
C GLN A 190 11.36 15.03 5.79
N SER A 191 11.99 16.20 5.88
CA SER A 191 11.30 17.45 6.14
C SER A 191 10.22 17.75 5.09
N ASP A 192 10.58 17.73 3.82
CA ASP A 192 9.62 18.01 2.76
C ASP A 192 8.42 17.05 2.81
N ALA A 193 8.70 15.76 2.99
CA ALA A 193 7.65 14.75 3.05
C ALA A 193 6.73 14.97 4.26
N LYS A 194 7.30 15.39 5.39
CA LYS A 194 6.50 15.63 6.58
C LYS A 194 5.55 16.80 6.39
N ALA A 195 6.02 17.85 5.71
CA ALA A 195 5.16 19.01 5.47
C ALA A 195 3.95 18.56 4.62
N ALA A 196 4.22 17.70 3.64
CA ALA A 196 3.17 17.18 2.77
C ALA A 196 2.18 16.36 3.59
N ILE A 197 2.69 15.66 4.59
CA ILE A 197 1.83 14.85 5.45
C ILE A 197 0.99 15.77 6.32
N ASP A 198 1.60 16.83 6.84
CA ASP A 198 0.86 17.77 7.69
C ASP A 198 -0.34 18.35 6.93
N SER A 199 -0.12 18.83 5.71
CA SER A 199 -1.21 19.41 4.94
C SER A 199 -2.34 18.42 4.74
N ILE A 200 -1.99 17.15 4.54
CA ILE A 200 -2.99 16.12 4.35
C ILE A 200 -3.77 15.87 5.64
N VAL A 201 -3.04 15.81 6.75
CA VAL A 201 -3.65 15.57 8.06
C VAL A 201 -4.49 16.77 8.51
N SER A 202 -4.09 17.97 8.11
CA SER A 202 -4.82 19.17 8.50
C SER A 202 -5.98 19.44 7.56
N ALA A 203 -5.93 18.85 6.37
CA ALA A 203 -6.99 19.01 5.39
C ALA A 203 -8.19 18.11 5.70
N GLU A 204 -7.94 17.03 6.43
CA GLU A 204 -8.98 16.08 6.80
C GLU A 204 -8.52 15.04 7.81
#